data_5CGZ
#
_entry.id   5CGZ
#
_cell.length_a   201.660
_cell.length_b   201.660
_cell.length_c   201.660
_cell.angle_alpha   90.000
_cell.angle_beta   90.000
_cell.angle_gamma   90.000
#
_symmetry.space_group_name_H-M   'P 41 3 2'
#
loop_
_entity.id
_entity.type
_entity.pdbx_description
1 polymer '4-oxalmesaconate hydratase'
2 non-polymer 'ZINC ION'
3 non-polymer GLYCEROL
4 water water
#
_entity_poly.entity_id   1
_entity_poly.type   'polypeptide(L)'
_entity_poly.pdbx_seq_one_letter_code
;MKSALVVSAHSADFVWRAGGAIALHAEQGYAMHVVCLSFGERGESAKLWRKGEMTEAKVKDARREEAMAAAEILGASVEF
FDIGDYPMRADKDTLFRLADVYRRVQPEFVLSHSLKDPYNYDHPLAMHLAQEARIIAQAEGYKPGEKIVGAPPVYAFEPH
QPEQCEWRPDTFLDITSVWDKKYAAIQCMAGQEHLWEYYTRVALQRGVQAKRNVGITSARNIVYAEGLQSVFPRVTENLA
;
_entity_poly.pdbx_strand_id   A,B
#
# COMPACT_ATOMS: atom_id res chain seq x y z
N MET A 1 4.79 19.99 8.30
CA MET A 1 4.83 18.81 7.45
C MET A 1 5.49 17.64 8.15
N LYS A 2 5.07 16.43 7.83
CA LYS A 2 5.76 15.24 8.31
C LYS A 2 7.18 15.25 7.75
N SER A 3 8.14 14.85 8.57
N SER A 3 8.15 14.86 8.57
CA SER A 3 9.54 14.90 8.17
CA SER A 3 9.54 14.89 8.12
C SER A 3 10.34 13.75 8.76
C SER A 3 10.39 13.83 8.81
N ALA A 4 11.53 13.51 8.22
CA ALA A 4 12.44 12.50 8.77
C ALA A 4 13.87 12.82 8.33
N LEU A 5 14.83 12.21 8.99
CA LEU A 5 16.23 12.59 8.87
C LEU A 5 17.12 11.40 8.60
N VAL A 6 18.07 11.58 7.69
CA VAL A 6 19.09 10.58 7.43
C VAL A 6 20.45 11.20 7.71
N VAL A 7 21.24 10.57 8.57
CA VAL A 7 22.60 11.04 8.83
C VAL A 7 23.64 10.10 8.22
N SER A 8 24.27 10.57 7.16
CA SER A 8 25.17 9.80 6.32
C SER A 8 26.63 10.20 6.59
N ALA A 9 27.50 9.26 6.95
CA ALA A 9 28.90 9.62 7.25
C ALA A 9 29.61 10.19 6.02
N HIS A 10 29.42 9.52 4.89
CA HIS A 10 30.00 9.91 3.63
C HIS A 10 28.85 10.12 2.65
N SER A 11 29.06 10.95 1.64
CA SER A 11 27.95 11.37 0.78
C SER A 11 27.22 10.23 0.07
N ALA A 12 27.92 9.13 -0.27
CA ALA A 12 27.28 8.05 -1.01
C ALA A 12 26.43 7.10 -0.14
N ASP A 13 26.70 7.09 1.15
CA ASP A 13 26.08 6.10 2.02
C ASP A 13 24.56 6.13 2.02
N PHE A 14 23.95 7.31 2.01
CA PHE A 14 22.49 7.34 2.09
C PHE A 14 21.89 6.74 0.82
N VAL A 15 22.64 6.73 -0.27
CA VAL A 15 22.12 6.17 -1.52
C VAL A 15 22.11 4.64 -1.46
N TRP A 16 23.24 4.03 -1.12
CA TRP A 16 23.29 2.57 -1.02
C TRP A 16 22.35 2.01 0.03
N ARG A 17 22.27 2.69 1.17
CA ARG A 17 21.72 2.09 2.39
C ARG A 17 20.34 2.60 2.78
N ALA A 18 19.93 3.76 2.24
CA ALA A 18 18.69 4.39 2.66
C ALA A 18 17.83 4.90 1.51
N GLY A 19 18.28 4.69 0.27
CA GLY A 19 17.58 5.22 -0.90
C GLY A 19 16.12 4.80 -0.93
N GLY A 20 15.86 3.52 -0.70
CA GLY A 20 14.50 3.02 -0.65
C GLY A 20 13.66 3.70 0.42
N ALA A 21 14.20 3.75 1.65
CA ALA A 21 13.46 4.33 2.76
C ALA A 21 13.13 5.80 2.47
N ILE A 22 14.07 6.51 1.85
CA ILE A 22 13.87 7.92 1.54
C ILE A 22 12.74 8.09 0.51
N ALA A 23 12.85 7.39 -0.61
CA ALA A 23 11.86 7.48 -1.67
C ALA A 23 10.48 7.03 -1.20
N LEU A 24 10.44 5.98 -0.38
CA LEU A 24 9.18 5.43 0.09
C LEU A 24 8.45 6.45 0.98
N HIS A 25 9.15 7.01 1.95
CA HIS A 25 8.48 7.93 2.87
C HIS A 25 8.17 9.29 2.20
N ALA A 26 8.99 9.71 1.24
CA ALA A 26 8.69 10.91 0.47
C ALA A 26 7.31 10.77 -0.19
N GLU A 27 7.02 9.59 -0.73
CA GLU A 27 5.73 9.35 -1.39
C GLU A 27 4.60 9.29 -0.38
N GLN A 28 4.94 9.10 0.89
CA GLN A 28 3.94 9.14 1.94
C GLN A 28 3.73 10.56 2.48
N GLY A 29 4.35 11.54 1.85
CA GLY A 29 4.18 12.92 2.29
C GLY A 29 5.19 13.41 3.32
N TYR A 30 6.34 12.73 3.40
CA TYR A 30 7.41 13.15 4.30
C TYR A 30 8.38 14.09 3.61
N ALA A 31 8.77 15.15 4.30
CA ALA A 31 9.90 15.95 3.89
C ALA A 31 11.16 15.25 4.40
N MET A 32 11.80 14.51 3.50
CA MET A 32 13.00 13.76 3.85
C MET A 32 14.21 14.65 3.74
N HIS A 33 14.99 14.74 4.83
CA HIS A 33 16.22 15.52 4.80
C HIS A 33 17.44 14.65 5.08
N VAL A 34 18.50 14.84 4.30
CA VAL A 34 19.74 14.11 4.45
C VAL A 34 20.88 15.05 4.86
N VAL A 35 21.57 14.68 5.93
CA VAL A 35 22.83 15.31 6.26
C VAL A 35 23.98 14.37 5.88
N CYS A 36 24.86 14.83 4.99
CA CYS A 36 26.12 14.14 4.69
C CYS A 36 27.25 14.80 5.46
N LEU A 37 27.80 14.11 6.44
CA LEU A 37 28.81 14.72 7.30
C LEU A 37 30.09 15.01 6.53
N SER A 38 30.41 14.15 5.58
CA SER A 38 31.59 14.33 4.73
C SER A 38 31.25 13.82 3.33
N PHE A 39 32.20 13.90 2.41
CA PHE A 39 31.95 13.43 1.04
C PHE A 39 32.56 12.06 0.76
N GLY A 40 33.25 11.48 1.74
CA GLY A 40 34.01 10.26 1.51
C GLY A 40 35.15 10.53 0.54
N GLU A 41 35.63 11.77 0.56
CA GLU A 41 36.61 12.24 -0.42
C GLU A 41 37.95 11.48 -0.36
N ARG A 42 38.36 11.05 0.82
CA ARG A 42 39.65 10.37 0.95
C ARG A 42 39.55 8.84 0.92
N GLY A 43 38.50 8.26 1.49
CA GLY A 43 38.41 6.81 1.61
C GLY A 43 37.35 6.09 0.80
N GLU A 44 36.46 6.84 0.14
N GLU A 44 36.50 6.86 0.12
CA GLU A 44 35.41 6.23 -0.66
CA GLU A 44 35.39 6.32 -0.65
C GLU A 44 35.40 6.82 -2.08
C GLU A 44 35.40 6.80 -2.10
N SER A 45 36.59 7.15 -2.59
CA SER A 45 36.69 7.79 -3.90
C SER A 45 37.89 7.29 -4.73
N ALA A 46 38.16 5.99 -4.66
CA ALA A 46 39.34 5.40 -5.29
C ALA A 46 39.43 5.67 -6.79
N LYS A 47 38.32 5.52 -7.50
CA LYS A 47 38.30 5.75 -8.94
C LYS A 47 38.83 7.13 -9.29
N LEU A 48 38.37 8.14 -8.55
CA LEU A 48 38.82 9.50 -8.81
C LEU A 48 40.30 9.68 -8.51
N TRP A 49 40.78 9.12 -7.41
CA TRP A 49 42.20 9.28 -7.05
C TRP A 49 43.12 8.60 -8.07
N ARG A 50 42.58 7.65 -8.82
CA ARG A 50 43.37 6.96 -9.84
C ARG A 50 43.51 7.78 -11.12
N LYS A 51 42.67 8.80 -11.30
CA LYS A 51 42.87 9.77 -12.37
C LYS A 51 44.06 10.66 -12.01
N GLY A 52 44.59 11.36 -13.00
CA GLY A 52 45.72 12.24 -12.76
C GLY A 52 45.32 13.59 -12.21
N GLU A 53 46.23 14.19 -11.43
CA GLU A 53 46.06 15.54 -10.93
C GLU A 53 44.78 15.70 -10.11
N MET A 54 44.49 14.71 -9.27
CA MET A 54 43.28 14.76 -8.46
C MET A 54 43.54 15.54 -7.19
N THR A 55 42.52 16.20 -6.67
CA THR A 55 42.61 16.91 -5.40
C THR A 55 41.36 16.63 -4.57
N GLU A 56 41.47 16.86 -3.26
CA GLU A 56 40.31 16.65 -2.39
C GLU A 56 39.18 17.58 -2.81
N ALA A 57 39.52 18.81 -3.21
CA ALA A 57 38.50 19.76 -3.64
C ALA A 57 37.77 19.24 -4.87
N LYS A 58 38.52 18.68 -5.81
CA LYS A 58 37.91 18.12 -7.00
C LYS A 58 37.05 16.92 -6.66
N VAL A 59 37.53 16.07 -5.75
CA VAL A 59 36.75 14.90 -5.35
C VAL A 59 35.44 15.33 -4.70
N LYS A 60 35.54 16.27 -3.77
CA LYS A 60 34.34 16.77 -3.08
C LYS A 60 33.30 17.31 -4.08
N ASP A 61 33.77 18.03 -5.09
CA ASP A 61 32.85 18.58 -6.10
C ASP A 61 32.11 17.46 -6.81
N ALA A 62 32.86 16.44 -7.23
CA ALA A 62 32.23 15.31 -7.92
C ALA A 62 31.23 14.59 -7.00
N ARG A 63 31.63 14.33 -5.76
CA ARG A 63 30.76 13.67 -4.79
C ARG A 63 29.51 14.50 -4.49
N ARG A 64 29.69 15.81 -4.33
CA ARG A 64 28.57 16.71 -4.05
C ARG A 64 27.52 16.66 -5.16
N GLU A 65 27.98 16.68 -6.41
N GLU A 65 28.00 16.69 -6.40
CA GLU A 65 27.07 16.70 -7.54
CA GLU A 65 27.11 16.68 -7.56
C GLU A 65 26.29 15.38 -7.63
C GLU A 65 26.30 15.39 -7.60
N GLU A 66 26.98 14.27 -7.37
CA GLU A 66 26.33 12.97 -7.36
C GLU A 66 25.24 12.90 -6.29
N ALA A 67 25.56 13.37 -5.09
CA ALA A 67 24.62 13.31 -3.97
C ALA A 67 23.39 14.16 -4.24
N MET A 68 23.61 15.35 -4.79
CA MET A 68 22.50 16.23 -5.12
C MET A 68 21.61 15.62 -6.20
N ALA A 69 22.23 14.96 -7.18
CA ALA A 69 21.45 14.30 -8.23
C ALA A 69 20.63 13.15 -7.64
N ALA A 70 21.25 12.34 -6.78
CA ALA A 70 20.56 11.22 -6.15
C ALA A 70 19.41 11.71 -5.26
N ALA A 71 19.68 12.74 -4.47
CA ALA A 71 18.67 13.29 -3.58
C ALA A 71 17.43 13.75 -4.35
N GLU A 72 17.67 14.37 -5.51
N GLU A 72 17.64 14.37 -5.51
CA GLU A 72 16.60 14.89 -6.36
CA GLU A 72 16.52 14.90 -6.28
C GLU A 72 15.71 13.74 -6.82
C GLU A 72 15.68 13.74 -6.84
N ILE A 73 16.36 12.68 -7.31
CA ILE A 73 15.65 11.48 -7.75
C ILE A 73 14.84 10.83 -6.63
N LEU A 74 15.41 10.76 -5.43
CA LEU A 74 14.76 10.09 -4.32
C LEU A 74 13.66 10.96 -3.71
N GLY A 75 13.75 12.27 -3.87
CA GLY A 75 12.78 13.19 -3.30
C GLY A 75 13.18 13.70 -1.91
N ALA A 76 14.47 13.91 -1.70
CA ALA A 76 14.96 14.42 -0.42
C ALA A 76 15.71 15.72 -0.60
N SER A 77 15.78 16.52 0.45
CA SER A 77 16.75 17.62 0.47
C SER A 77 18.02 17.09 1.10
N VAL A 78 19.16 17.74 0.81
CA VAL A 78 20.44 17.29 1.34
C VAL A 78 21.34 18.46 1.69
N GLU A 79 22.06 18.36 2.79
CA GLU A 79 23.07 19.36 3.13
C GLU A 79 24.37 18.67 3.47
N PHE A 80 25.48 19.43 3.39
CA PHE A 80 26.81 18.87 3.53
C PHE A 80 27.61 19.57 4.62
N PHE A 81 27.93 18.88 5.71
CA PHE A 81 28.69 19.51 6.79
C PHE A 81 30.16 19.66 6.41
N ASP A 82 30.62 18.83 5.48
CA ASP A 82 32.02 18.86 5.03
C ASP A 82 33.05 18.86 6.16
N ILE A 83 33.00 17.87 7.05
CA ILE A 83 33.95 17.84 8.16
C ILE A 83 35.15 16.92 7.91
N GLY A 84 35.17 16.24 6.77
CA GLY A 84 36.31 15.41 6.40
C GLY A 84 36.18 13.95 6.80
N ASP A 85 36.65 13.05 5.94
CA ASP A 85 36.62 11.61 6.21
C ASP A 85 38.03 11.04 6.35
N TYR A 86 38.13 9.83 6.92
CA TYR A 86 39.39 9.10 6.98
C TYR A 86 40.59 9.92 7.42
N PRO A 87 40.57 10.42 8.66
CA PRO A 87 39.54 10.17 9.67
C PRO A 87 38.49 11.28 9.76
N MET A 88 37.25 10.88 9.99
CA MET A 88 36.23 11.81 10.40
C MET A 88 36.38 12.09 11.90
N ARG A 89 36.38 13.37 12.27
CA ARG A 89 36.41 13.77 13.67
C ARG A 89 35.38 14.88 13.91
N ALA A 90 34.71 14.84 15.05
CA ALA A 90 33.72 15.87 15.39
C ALA A 90 34.03 16.48 16.74
N ASP A 91 33.56 17.70 16.96
CA ASP A 91 33.66 18.34 18.28
C ASP A 91 32.28 18.83 18.72
N LYS A 92 32.24 19.58 19.83
CA LYS A 92 30.97 20.09 20.34
C LYS A 92 30.22 20.88 19.28
N ASP A 93 30.96 21.61 18.45
CA ASP A 93 30.32 22.41 17.42
C ASP A 93 29.63 21.59 16.33
N THR A 94 30.24 20.48 15.93
CA THR A 94 29.60 19.54 15.02
C THR A 94 28.30 19.06 15.63
N LEU A 95 28.38 18.68 16.90
CA LEU A 95 27.24 18.19 17.65
C LEU A 95 26.09 19.19 17.68
N PHE A 96 26.41 20.45 18.01
CA PHE A 96 25.39 21.50 18.05
C PHE A 96 24.82 21.81 16.65
N ARG A 97 25.68 21.78 15.64
CA ARG A 97 25.20 21.94 14.27
CA ARG A 97 25.25 21.91 14.24
C ARG A 97 24.15 20.89 13.94
N LEU A 98 24.41 19.63 14.32
CA LEU A 98 23.46 18.56 14.05
C LEU A 98 22.21 18.69 14.92
N ALA A 99 22.37 19.08 16.19
CA ALA A 99 21.21 19.32 17.05
C ALA A 99 20.31 20.39 16.46
N ASP A 100 20.91 21.40 15.83
CA ASP A 100 20.11 22.44 15.19
C ASP A 100 19.33 21.90 13.98
N VAL A 101 19.92 20.96 13.24
CA VAL A 101 19.19 20.32 12.16
C VAL A 101 17.96 19.60 12.74
N TYR A 102 18.15 18.89 13.84
CA TYR A 102 17.03 18.22 14.51
C TYR A 102 15.93 19.20 14.90
N ARG A 103 16.33 20.32 15.50
CA ARG A 103 15.37 21.31 15.95
C ARG A 103 14.57 21.89 14.77
N ARG A 104 15.24 22.05 13.64
CA ARG A 104 14.59 22.60 12.44
C ARG A 104 13.72 21.58 11.72
N VAL A 105 14.23 20.36 11.55
CA VAL A 105 13.52 19.34 10.80
C VAL A 105 12.42 18.66 11.63
N GLN A 106 12.64 18.54 12.93
CA GLN A 106 11.72 17.81 13.81
C GLN A 106 11.35 16.43 13.24
N PRO A 107 12.37 15.60 12.95
CA PRO A 107 12.09 14.35 12.23
C PRO A 107 11.26 13.34 13.03
N GLU A 108 10.45 12.55 12.34
CA GLU A 108 9.67 11.49 12.96
C GLU A 108 10.51 10.25 13.22
N PHE A 109 11.57 10.11 12.43
CA PHE A 109 12.52 9.01 12.64
C PHE A 109 13.87 9.39 12.04
N VAL A 110 14.91 8.65 12.44
CA VAL A 110 16.25 8.92 11.98
C VAL A 110 16.91 7.64 11.46
N LEU A 111 17.60 7.74 10.32
CA LEU A 111 18.38 6.62 9.81
C LEU A 111 19.87 6.97 9.84
N SER A 112 20.70 6.06 10.34
CA SER A 112 22.14 6.27 10.26
C SER A 112 22.86 4.91 10.29
N HIS A 113 24.16 4.92 10.56
CA HIS A 113 25.00 3.72 10.44
C HIS A 113 24.97 2.79 11.66
N SER A 114 25.45 1.56 11.50
CA SER A 114 25.59 0.64 12.63
C SER A 114 26.60 1.19 13.62
N LEU A 115 26.47 0.81 14.88
CA LEU A 115 27.35 1.32 15.94
C LEU A 115 28.69 0.60 16.00
N LYS A 116 28.81 -0.52 15.29
CA LYS A 116 30.10 -1.17 15.11
C LYS A 116 30.37 -1.33 13.63
N ASP A 117 31.63 -1.20 13.25
CA ASP A 117 32.04 -1.36 11.86
C ASP A 117 33.55 -1.48 11.80
N PRO A 118 34.04 -2.72 11.78
CA PRO A 118 35.49 -2.96 11.74
C PRO A 118 36.12 -2.56 10.40
N TYR A 119 35.31 -2.14 9.43
CA TYR A 119 35.85 -1.73 8.14
C TYR A 119 35.89 -0.22 7.96
N ASN A 120 35.26 0.52 8.86
CA ASN A 120 35.13 1.96 8.67
C ASN A 120 34.79 2.69 9.96
N TYR A 121 35.79 3.32 10.58
CA TYR A 121 35.60 4.01 11.85
C TYR A 121 34.67 5.22 11.73
N ASP A 122 34.58 5.81 10.54
CA ASP A 122 33.72 6.98 10.37
C ASP A 122 32.24 6.63 10.55
N HIS A 123 31.86 5.40 10.25
CA HIS A 123 30.44 5.05 10.22
C HIS A 123 29.80 5.10 11.61
N PRO A 124 30.38 4.40 12.61
CA PRO A 124 29.79 4.51 13.96
C PRO A 124 29.86 5.94 14.51
N LEU A 125 30.89 6.70 14.17
CA LEU A 125 30.96 8.07 14.65
C LEU A 125 29.71 8.85 14.18
N ALA A 126 29.33 8.66 12.92
CA ALA A 126 28.14 9.30 12.37
C ALA A 126 26.90 8.95 13.19
N MET A 127 26.76 7.67 13.55
CA MET A 127 25.59 7.26 14.32
C MET A 127 25.64 7.82 15.75
N HIS A 128 26.83 7.88 16.34
CA HIS A 128 26.96 8.47 17.68
C HIS A 128 26.62 9.96 17.67
N LEU A 129 27.05 10.67 16.61
CA LEU A 129 26.64 12.07 16.42
C LEU A 129 25.13 12.19 16.30
N ALA A 130 24.55 11.34 15.45
CA ALA A 130 23.11 11.35 15.23
C ALA A 130 22.37 11.14 16.55
N GLN A 131 22.81 10.18 17.35
CA GLN A 131 22.11 9.87 18.59
C GLN A 131 22.31 10.94 19.65
N GLU A 132 23.54 11.41 19.83
CA GLU A 132 23.77 12.39 20.88
C GLU A 132 23.12 13.72 20.50
N ALA A 133 23.19 14.12 19.21
CA ALA A 133 22.56 15.38 18.79
C ALA A 133 21.05 15.33 19.02
N ARG A 134 20.46 14.16 18.79
CA ARG A 134 19.05 13.95 19.05
C ARG A 134 18.70 14.24 20.52
N ILE A 135 19.53 13.73 21.43
CA ILE A 135 19.30 13.93 22.85
C ILE A 135 19.51 15.41 23.24
N ILE A 136 20.55 16.05 22.72
CA ILE A 136 20.75 17.48 22.97
C ILE A 136 19.50 18.26 22.56
N ALA A 137 18.95 17.90 21.40
CA ALA A 137 17.77 18.59 20.87
C ALA A 137 16.51 18.34 21.71
N GLN A 138 16.54 17.32 22.55
CA GLN A 138 15.46 17.07 23.50
C GLN A 138 15.51 18.00 24.73
N ALA A 139 16.67 18.60 25.00
CA ALA A 139 16.89 19.29 26.28
C ALA A 139 16.30 20.69 26.29
N GLU A 140 15.42 20.95 27.26
CA GLU A 140 14.77 22.24 27.35
C GLU A 140 15.78 23.31 27.76
N GLY A 141 16.95 22.87 28.19
CA GLY A 141 18.04 23.78 28.53
C GLY A 141 18.96 24.08 27.36
N TYR A 142 18.74 23.40 26.25
CA TYR A 142 19.50 23.71 25.04
C TYR A 142 18.71 24.70 24.20
N LYS A 143 19.28 25.89 24.01
CA LYS A 143 18.59 27.00 23.34
C LYS A 143 17.16 27.12 23.86
N PRO A 144 17.02 27.48 25.14
CA PRO A 144 15.74 27.55 25.84
C PRO A 144 14.73 28.37 25.05
N GLY A 145 13.47 27.96 25.04
CA GLY A 145 12.47 28.68 24.28
C GLY A 145 12.19 28.06 22.92
N GLU A 146 13.18 27.41 22.32
CA GLU A 146 12.98 26.70 21.07
C GLU A 146 12.12 25.45 21.31
N LYS A 147 11.37 25.05 20.30
CA LYS A 147 10.59 23.82 20.38
C LYS A 147 11.52 22.60 20.44
N ILE A 148 11.40 21.78 21.48
CA ILE A 148 12.29 20.64 21.63
C ILE A 148 11.87 19.49 20.73
N VAL A 149 12.81 18.56 20.53
CA VAL A 149 12.55 17.32 19.82
C VAL A 149 11.90 16.30 20.76
N GLY A 150 11.05 15.43 20.22
CA GLY A 150 10.44 14.38 21.01
C GLY A 150 11.34 13.15 21.09
N ALA A 151 10.82 11.98 20.72
CA ALA A 151 11.60 10.75 20.75
C ALA A 151 11.47 9.97 19.44
N PRO A 152 11.95 10.56 18.33
CA PRO A 152 11.85 9.84 17.06
C PRO A 152 12.67 8.56 17.11
N PRO A 153 12.10 7.45 16.65
CA PRO A 153 12.86 6.20 16.51
C PRO A 153 14.15 6.43 15.71
N VAL A 154 15.20 5.72 16.10
CA VAL A 154 16.47 5.76 15.37
C VAL A 154 16.76 4.35 14.86
N TYR A 155 17.22 4.24 13.61
CA TYR A 155 17.52 2.94 13.02
C TYR A 155 18.91 2.96 12.40
N ALA A 156 19.61 1.84 12.49
CA ALA A 156 20.84 1.65 11.72
C ALA A 156 20.49 0.95 10.44
N PHE A 157 20.80 1.56 9.29
CA PHE A 157 20.60 0.88 8.02
C PHE A 157 21.75 -0.11 7.78
N GLU A 158 21.67 -0.88 6.70
CA GLU A 158 22.52 -2.06 6.54
C GLU A 158 23.97 -1.73 6.19
N PRO A 159 24.92 -2.21 7.01
CA PRO A 159 26.33 -2.02 6.62
C PRO A 159 26.76 -3.03 5.55
N HIS A 160 27.90 -2.78 4.94
CA HIS A 160 28.38 -3.61 3.84
C HIS A 160 28.56 -5.05 4.28
N GLN A 161 29.09 -5.25 5.48
CA GLN A 161 29.29 -6.58 6.04
C GLN A 161 28.54 -6.73 7.36
N PRO A 162 27.23 -7.02 7.28
CA PRO A 162 26.35 -6.92 8.44
C PRO A 162 26.78 -7.81 9.61
N GLU A 163 27.09 -9.08 9.37
CA GLU A 163 27.47 -9.96 10.49
C GLU A 163 28.77 -9.51 11.16
N GLN A 164 29.75 -9.04 10.38
CA GLN A 164 31.00 -8.58 10.97
C GLN A 164 30.73 -7.34 11.84
N CYS A 165 29.67 -6.61 11.52
CA CYS A 165 29.30 -5.43 12.29
C CYS A 165 28.37 -5.76 13.47
N GLU A 166 28.05 -7.04 13.65
CA GLU A 166 27.12 -7.47 14.68
C GLU A 166 25.77 -6.76 14.55
N TRP A 167 25.33 -6.60 13.31
CA TRP A 167 24.10 -5.91 12.99
C TRP A 167 23.06 -6.94 12.61
N ARG A 168 21.84 -6.78 13.12
CA ARG A 168 20.74 -7.66 12.79
C ARG A 168 19.52 -6.82 12.41
N PRO A 169 18.92 -7.09 11.25
CA PRO A 169 17.72 -6.31 10.96
C PRO A 169 16.54 -6.81 11.79
N ASP A 170 15.97 -5.97 12.65
CA ASP A 170 14.76 -6.36 13.37
C ASP A 170 13.54 -5.76 12.66
N THR A 171 13.80 -5.01 11.60
CA THR A 171 12.74 -4.33 10.84
C THR A 171 13.05 -4.41 9.35
N PHE A 172 12.11 -4.93 8.56
CA PHE A 172 12.25 -4.88 7.10
C PHE A 172 11.26 -3.89 6.52
N LEU A 173 11.81 -2.96 5.73
CA LEU A 173 10.99 -1.98 5.03
C LEU A 173 10.79 -2.45 3.60
N ASP A 174 9.54 -2.67 3.20
CA ASP A 174 9.24 -3.10 1.84
C ASP A 174 9.37 -1.91 0.90
N ILE A 175 10.40 -1.92 0.07
CA ILE A 175 10.66 -0.81 -0.84
C ILE A 175 10.37 -1.20 -2.29
N THR A 176 9.64 -2.29 -2.47
CA THR A 176 9.31 -2.77 -3.81
C THR A 176 8.72 -1.67 -4.71
N SER A 177 7.85 -0.84 -4.14
CA SER A 177 7.16 0.19 -4.92
C SER A 177 8.06 1.35 -5.33
N VAL A 178 9.26 1.45 -4.77
CA VAL A 178 10.16 2.52 -5.17
C VAL A 178 11.52 2.03 -5.63
N TRP A 179 11.62 0.75 -5.96
CA TRP A 179 12.94 0.23 -6.35
C TRP A 179 13.52 1.01 -7.55
N ASP A 180 12.68 1.37 -8.52
CA ASP A 180 13.19 2.07 -9.70
C ASP A 180 13.87 3.37 -9.33
N LYS A 181 13.29 4.09 -8.36
CA LYS A 181 13.90 5.32 -7.88
C LYS A 181 15.23 5.02 -7.17
N LYS A 182 15.25 4.02 -6.29
CA LYS A 182 16.50 3.74 -5.59
C LYS A 182 17.59 3.37 -6.59
N TYR A 183 17.23 2.57 -7.58
CA TYR A 183 18.23 2.13 -8.55
C TYR A 183 18.71 3.28 -9.45
N ALA A 184 17.79 4.18 -9.82
CA ALA A 184 18.18 5.37 -10.58
C ALA A 184 19.13 6.23 -9.76
N ALA A 185 18.85 6.36 -8.46
CA ALA A 185 19.76 7.11 -7.59
C ALA A 185 21.11 6.40 -7.51
N ILE A 186 21.08 5.07 -7.41
CA ILE A 186 22.29 4.27 -7.37
C ILE A 186 23.16 4.53 -8.61
N GLN A 187 22.52 4.68 -9.77
CA GLN A 187 23.25 4.92 -11.01
C GLN A 187 23.93 6.29 -11.07
N CYS A 188 23.56 7.20 -10.16
CA CYS A 188 24.29 8.45 -10.03
C CYS A 188 25.68 8.25 -9.43
N MET A 189 25.89 7.10 -8.79
CA MET A 189 27.19 6.80 -8.20
C MET A 189 28.13 6.34 -9.32
N ALA A 190 28.61 7.32 -10.08
CA ALA A 190 29.41 7.08 -11.27
C ALA A 190 30.61 6.16 -11.05
N GLY A 191 30.76 5.20 -11.95
CA GLY A 191 31.90 4.31 -11.96
C GLY A 191 31.88 3.21 -10.90
N GLN A 192 30.76 3.03 -10.20
CA GLN A 192 30.71 2.07 -9.11
C GLN A 192 29.72 0.94 -9.36
N GLU A 193 29.69 0.49 -10.62
CA GLU A 193 28.80 -0.58 -11.07
C GLU A 193 28.82 -1.85 -10.22
N HIS A 194 29.98 -2.22 -9.68
CA HIS A 194 30.06 -3.41 -8.82
C HIS A 194 29.21 -3.22 -7.57
N LEU A 195 29.21 -2.01 -7.02
CA LEU A 195 28.37 -1.69 -5.89
C LEU A 195 26.90 -1.59 -6.29
N TRP A 196 26.61 -1.15 -7.52
CA TRP A 196 25.23 -1.15 -8.01
C TRP A 196 24.68 -2.56 -7.90
N GLU A 197 25.49 -3.51 -8.37
CA GLU A 197 25.10 -4.92 -8.38
C GLU A 197 25.02 -5.50 -6.98
N TYR A 198 25.98 -5.13 -6.13
CA TYR A 198 25.99 -5.62 -4.75
C TYR A 198 24.71 -5.18 -4.02
N TYR A 199 24.33 -3.92 -4.14
CA TYR A 199 23.20 -3.44 -3.36
C TYR A 199 21.87 -3.80 -4.00
N THR A 200 21.89 -4.12 -5.29
CA THR A 200 20.74 -4.78 -5.91
C THR A 200 20.55 -6.16 -5.29
N ARG A 201 21.63 -6.92 -5.19
CA ARG A 201 21.52 -8.25 -4.59
C ARG A 201 21.08 -8.14 -3.12
N VAL A 202 21.57 -7.15 -2.39
CA VAL A 202 21.16 -6.94 -1.00
C VAL A 202 19.64 -6.77 -0.91
N ALA A 203 19.09 -5.89 -1.75
CA ALA A 203 17.65 -5.62 -1.72
C ALA A 203 16.84 -6.86 -2.07
N LEU A 204 17.35 -7.65 -3.02
CA LEU A 204 16.66 -8.87 -3.41
C LEU A 204 16.71 -9.90 -2.28
N GLN A 205 17.87 -10.02 -1.62
CA GLN A 205 18.00 -10.96 -0.51
C GLN A 205 17.09 -10.57 0.64
N ARG A 206 17.12 -9.29 1.01
CA ARG A 206 16.27 -8.83 2.10
C ARG A 206 14.80 -8.95 1.71
N GLY A 207 14.53 -8.80 0.41
CA GLY A 207 13.18 -8.97 -0.09
C GLY A 207 12.66 -10.38 0.18
N VAL A 208 13.48 -11.38 -0.15
CA VAL A 208 13.08 -12.77 0.09
C VAL A 208 12.91 -13.03 1.58
N GLN A 209 13.81 -12.50 2.40
CA GLN A 209 13.73 -12.71 3.85
C GLN A 209 12.51 -12.02 4.46
N ALA A 210 12.21 -10.80 4.01
CA ALA A 210 11.02 -10.11 4.47
C ALA A 210 9.77 -10.90 4.10
N LYS A 211 9.72 -11.41 2.87
CA LYS A 211 8.60 -12.23 2.42
C LYS A 211 8.45 -13.45 3.33
N ARG A 212 9.58 -14.09 3.65
CA ARG A 212 9.53 -15.26 4.53
C ARG A 212 8.91 -14.88 5.87
N ASN A 213 9.15 -13.66 6.32
CA ASN A 213 8.67 -13.26 7.63
C ASN A 213 7.24 -12.72 7.64
N VAL A 214 6.56 -12.75 6.48
CA VAL A 214 5.12 -12.50 6.46
C VAL A 214 4.36 -13.75 6.02
N GLY A 215 5.07 -14.84 5.77
CA GLY A 215 4.45 -16.07 5.33
C GLY A 215 4.80 -16.35 3.88
N ILE A 216 5.48 -17.47 3.64
CA ILE A 216 6.03 -17.72 2.32
C ILE A 216 4.94 -17.89 1.24
N THR A 217 3.72 -18.24 1.65
CA THR A 217 2.64 -18.38 0.68
C THR A 217 1.71 -17.16 0.65
N SER A 218 2.04 -16.12 1.40
CA SER A 218 1.28 -14.87 1.37
C SER A 218 1.23 -14.30 -0.06
N ALA A 219 0.15 -13.59 -0.39
CA ALA A 219 0.04 -12.98 -1.71
C ALA A 219 0.79 -11.66 -1.81
N ARG A 220 1.34 -11.17 -0.70
CA ARG A 220 2.08 -9.92 -0.72
C ARG A 220 3.28 -10.05 -1.65
N ASN A 221 3.52 -9.01 -2.44
CA ASN A 221 4.52 -9.04 -3.50
C ASN A 221 5.79 -8.33 -3.05
N ILE A 222 6.53 -8.95 -2.14
CA ILE A 222 7.68 -8.28 -1.53
C ILE A 222 8.95 -8.72 -2.25
N VAL A 223 9.47 -7.84 -3.10
CA VAL A 223 10.58 -8.19 -3.98
C VAL A 223 11.88 -7.52 -3.55
N TYR A 224 11.77 -6.26 -3.13
CA TYR A 224 12.91 -5.48 -2.68
C TYR A 224 12.65 -4.96 -1.26
N ALA A 225 13.63 -5.11 -0.37
CA ALA A 225 13.46 -4.60 0.99
C ALA A 225 14.75 -4.00 1.52
N GLU A 226 14.63 -3.09 2.49
CA GLU A 226 15.79 -2.63 3.25
C GLU A 226 15.66 -3.12 4.70
N GLY A 227 16.76 -3.61 5.26
CA GLY A 227 16.78 -4.07 6.64
C GLY A 227 17.27 -2.96 7.55
N LEU A 228 16.64 -2.82 8.71
CA LEU A 228 16.98 -1.80 9.70
C LEU A 228 17.14 -2.42 11.08
N GLN A 229 18.08 -1.91 11.88
CA GLN A 229 18.14 -2.29 13.28
C GLN A 229 17.74 -1.10 14.16
N SER A 230 16.68 -1.30 14.95
CA SER A 230 16.12 -0.27 15.81
C SER A 230 16.97 -0.01 17.03
N VAL A 231 17.12 1.25 17.39
CA VAL A 231 17.83 1.59 18.62
C VAL A 231 16.90 1.52 19.84
N PHE A 232 15.65 1.95 19.68
CA PHE A 232 14.74 2.05 20.81
C PHE A 232 13.55 1.11 20.68
N PRO A 233 12.96 0.72 21.82
CA PRO A 233 11.71 -0.04 21.82
C PRO A 233 10.60 0.76 21.16
N ARG A 234 9.79 0.14 20.33
CA ARG A 234 8.67 0.85 19.73
C ARG A 234 7.44 0.74 20.64
N VAL A 235 6.52 1.69 20.49
CA VAL A 235 5.31 1.75 21.30
C VAL A 235 4.11 1.57 20.38
N THR A 236 3.22 0.66 20.72
CA THR A 236 2.11 0.34 19.83
C THR A 236 0.85 -0.07 20.58
N GLU A 237 -0.25 -0.17 19.84
CA GLU A 237 -1.50 -0.71 20.40
C GLU A 237 -1.92 -1.98 19.68
N ASN A 238 -1.05 -2.52 18.83
CA ASN A 238 -1.39 -3.74 18.13
C ASN A 238 -0.17 -4.58 17.79
N LEU A 239 -0.26 -5.89 18.04
CA LEU A 239 0.91 -6.76 17.94
C LEU A 239 1.01 -7.58 16.67
N ALA A 240 0.10 -7.37 15.72
CA ALA A 240 0.13 -8.14 14.47
C ALA A 240 1.31 -7.72 13.60
N MET B 1 -30.79 -25.03 -1.87
CA MET B 1 -29.90 -24.30 -0.98
C MET B 1 -30.14 -22.81 -1.11
N LYS B 2 -30.33 -22.13 0.02
CA LYS B 2 -30.46 -20.67 -0.01
C LYS B 2 -29.22 -20.08 -0.71
N SER B 3 -29.45 -19.04 -1.51
N SER B 3 -29.46 -19.07 -1.53
CA SER B 3 -28.39 -18.48 -2.34
CA SER B 3 -28.40 -18.50 -2.36
C SER B 3 -28.47 -16.97 -2.37
C SER B 3 -28.50 -16.98 -2.40
N ALA B 4 -27.48 -16.33 -2.98
CA ALA B 4 -27.53 -14.89 -3.19
C ALA B 4 -26.60 -14.53 -4.33
N LEU B 5 -26.77 -13.33 -4.86
CA LEU B 5 -26.16 -12.94 -6.11
C LEU B 5 -25.43 -11.61 -5.98
N VAL B 6 -24.24 -11.55 -6.57
CA VAL B 6 -23.52 -10.29 -6.68
C VAL B 6 -23.26 -9.98 -8.14
N VAL B 7 -23.60 -8.77 -8.57
CA VAL B 7 -23.35 -8.36 -9.94
C VAL B 7 -22.27 -7.29 -9.95
N SER B 8 -21.10 -7.69 -10.44
CA SER B 8 -19.90 -6.90 -10.40
C SER B 8 -19.63 -6.36 -11.79
N ALA B 9 -19.49 -5.05 -11.94
CA ALA B 9 -19.25 -4.47 -13.27
C ALA B 9 -17.91 -4.94 -13.82
N HIS B 10 -16.88 -4.84 -12.97
CA HIS B 10 -15.54 -5.28 -13.30
C HIS B 10 -15.13 -6.35 -12.30
N SER B 11 -14.15 -7.19 -12.64
CA SER B 11 -13.85 -8.36 -11.81
C SER B 11 -13.41 -8.02 -10.38
N ALA B 12 -12.71 -6.91 -10.16
CA ALA B 12 -12.25 -6.59 -8.81
C ALA B 12 -13.34 -6.02 -7.88
N ASP B 13 -14.41 -5.47 -8.46
CA ASP B 13 -15.39 -4.74 -7.65
C ASP B 13 -16.02 -5.59 -6.56
N PHE B 14 -16.32 -6.86 -6.84
CA PHE B 14 -16.96 -7.67 -5.80
C PHE B 14 -16.02 -7.89 -4.62
N VAL B 15 -14.72 -7.80 -4.86
CA VAL B 15 -13.75 -7.98 -3.79
C VAL B 15 -13.72 -6.72 -2.90
N TRP B 16 -13.51 -5.54 -3.50
CA TRP B 16 -13.47 -4.31 -2.70
C TRP B 16 -14.76 -4.07 -1.95
N ARG B 17 -15.89 -4.33 -2.61
CA ARG B 17 -17.17 -3.78 -2.17
C ARG B 17 -18.12 -4.79 -1.53
N ALA B 18 -17.93 -6.07 -1.83
CA ALA B 18 -18.87 -7.09 -1.36
C ALA B 18 -18.22 -8.28 -0.66
N GLY B 19 -16.89 -8.27 -0.55
CA GLY B 19 -16.15 -9.39 0.00
C GLY B 19 -16.64 -9.84 1.37
N GLY B 20 -16.89 -8.87 2.25
CA GLY B 20 -17.37 -9.19 3.58
C GLY B 20 -18.75 -9.81 3.55
N ALA B 21 -19.64 -9.20 2.76
CA ALA B 21 -21.02 -9.68 2.64
C ALA B 21 -21.03 -11.12 2.12
N ILE B 22 -20.18 -11.39 1.13
CA ILE B 22 -20.09 -12.71 0.54
C ILE B 22 -19.59 -13.74 1.56
N ALA B 23 -18.47 -13.46 2.21
CA ALA B 23 -17.90 -14.40 3.16
C ALA B 23 -18.85 -14.63 4.33
N LEU B 24 -19.49 -13.57 4.80
CA LEU B 24 -20.39 -13.67 5.94
C LEU B 24 -21.59 -14.57 5.63
N HIS B 25 -22.20 -14.38 4.46
CA HIS B 25 -23.36 -15.18 4.13
C HIS B 25 -22.98 -16.60 3.74
N ALA B 26 -21.83 -16.77 3.11
CA ALA B 26 -21.33 -18.11 2.81
C ALA B 26 -21.25 -18.91 4.12
N GLU B 27 -20.77 -18.27 5.18
CA GLU B 27 -20.64 -18.98 6.45
C GLU B 27 -22.01 -19.27 7.07
N GLN B 28 -23.03 -18.51 6.68
CA GLN B 28 -24.38 -18.81 7.16
C GLN B 28 -25.05 -19.92 6.35
N GLY B 29 -24.36 -20.41 5.34
CA GLY B 29 -24.89 -21.48 4.53
C GLY B 29 -25.44 -21.07 3.17
N TYR B 30 -25.27 -19.81 2.79
CA TYR B 30 -25.71 -19.37 1.47
C TYR B 30 -24.74 -19.80 0.38
N ALA B 31 -25.28 -20.32 -0.71
CA ALA B 31 -24.51 -20.49 -1.93
C ALA B 31 -24.38 -19.11 -2.59
N MET B 32 -23.24 -18.47 -2.44
CA MET B 32 -23.01 -17.13 -2.99
C MET B 32 -22.47 -17.20 -4.41
N HIS B 33 -23.14 -16.52 -5.33
CA HIS B 33 -22.71 -16.52 -6.73
C HIS B 33 -22.39 -15.10 -7.18
N VAL B 34 -21.25 -14.94 -7.86
CA VAL B 34 -20.83 -13.66 -8.40
C VAL B 34 -20.81 -13.68 -9.92
N VAL B 35 -21.45 -12.68 -10.54
CA VAL B 35 -21.30 -12.45 -11.97
C VAL B 35 -20.39 -11.24 -12.19
N CYS B 36 -19.25 -11.43 -12.84
CA CYS B 36 -18.42 -10.30 -13.29
C CYS B 36 -18.73 -10.01 -14.75
N LEU B 37 -19.34 -8.86 -15.02
CA LEU B 37 -19.77 -8.54 -16.37
C LEU B 37 -18.58 -8.38 -17.30
N SER B 38 -17.50 -7.78 -16.78
CA SER B 38 -16.27 -7.60 -17.53
C SER B 38 -15.11 -7.82 -16.59
N PHE B 39 -13.89 -7.68 -17.08
CA PHE B 39 -12.73 -7.90 -16.24
C PHE B 39 -12.11 -6.58 -15.76
N GLY B 40 -12.66 -5.45 -16.21
CA GLY B 40 -12.02 -4.18 -15.96
C GLY B 40 -10.68 -4.12 -16.67
N GLU B 41 -10.60 -4.81 -17.80
CA GLU B 41 -9.33 -5.00 -18.51
C GLU B 41 -8.76 -3.70 -19.10
N ARG B 42 -9.62 -2.77 -19.48
CA ARG B 42 -9.12 -1.52 -20.08
C ARG B 42 -9.01 -0.38 -19.09
N GLY B 43 -9.92 -0.32 -18.13
CA GLY B 43 -10.01 0.83 -17.25
C GLY B 43 -9.57 0.62 -15.81
N GLU B 44 -9.46 -0.64 -15.38
N GLU B 44 -9.42 -0.63 -15.40
CA GLU B 44 -9.08 -0.93 -13.99
CA GLU B 44 -9.07 -0.96 -14.01
C GLU B 44 -7.83 -1.84 -13.95
C GLU B 44 -7.79 -1.78 -13.91
N SER B 45 -6.93 -1.66 -14.92
CA SER B 45 -5.74 -2.50 -15.01
C SER B 45 -4.48 -1.72 -15.36
N ALA B 46 -4.28 -0.57 -14.73
CA ALA B 46 -3.20 0.34 -15.14
C ALA B 46 -1.80 -0.30 -15.03
N LYS B 47 -1.52 -0.98 -13.92
CA LYS B 47 -0.18 -1.52 -13.74
C LYS B 47 0.18 -2.56 -14.81
N LEU B 48 -0.78 -3.37 -15.23
CA LEU B 48 -0.50 -4.30 -16.32
C LEU B 48 -0.22 -3.59 -17.63
N TRP B 49 -0.95 -2.52 -17.94
CA TRP B 49 -0.71 -1.82 -19.22
C TRP B 49 0.65 -1.15 -19.25
N ARG B 50 1.22 -0.89 -18.08
CA ARG B 50 2.55 -0.27 -17.99
C ARG B 50 3.67 -1.28 -18.28
N LYS B 51 3.35 -2.57 -18.24
CA LYS B 51 4.28 -3.59 -18.68
C LYS B 51 4.37 -3.61 -20.21
N GLY B 52 5.48 -4.11 -20.74
CA GLY B 52 5.63 -4.18 -22.18
C GLY B 52 4.87 -5.33 -22.81
N GLU B 53 4.48 -5.16 -24.06
CA GLU B 53 3.81 -6.22 -24.81
C GLU B 53 2.53 -6.69 -24.14
N MET B 54 1.79 -5.77 -23.55
CA MET B 54 0.53 -6.11 -22.90
C MET B 54 -0.60 -6.16 -23.93
N THR B 55 -1.55 -7.05 -23.72
CA THR B 55 -2.74 -7.13 -24.57
C THR B 55 -3.99 -7.33 -23.71
N GLU B 56 -5.16 -7.06 -24.27
CA GLU B 56 -6.40 -7.24 -23.51
C GLU B 56 -6.57 -8.69 -23.08
N ALA B 57 -6.17 -9.64 -23.92
CA ALA B 57 -6.29 -11.05 -23.58
C ALA B 57 -5.45 -11.40 -22.36
N LYS B 58 -4.21 -10.90 -22.34
CA LYS B 58 -3.33 -11.11 -21.19
C LYS B 58 -3.91 -10.47 -19.94
N VAL B 59 -4.39 -9.23 -20.06
CA VAL B 59 -4.99 -8.57 -18.90
C VAL B 59 -6.19 -9.36 -18.38
N LYS B 60 -7.09 -9.77 -19.27
CA LYS B 60 -8.24 -10.58 -18.85
C LYS B 60 -7.82 -11.84 -18.11
N ASP B 61 -6.76 -12.50 -18.59
CA ASP B 61 -6.29 -13.74 -17.97
C ASP B 61 -5.86 -13.47 -16.53
N ALA B 62 -5.09 -12.42 -16.34
CA ALA B 62 -4.62 -12.08 -14.99
C ALA B 62 -5.80 -11.72 -14.08
N ARG B 63 -6.72 -10.90 -14.59
CA ARG B 63 -7.90 -10.50 -13.83
C ARG B 63 -8.76 -11.72 -13.46
N ARG B 64 -8.96 -12.62 -14.43
CA ARG B 64 -9.76 -13.81 -14.20
C ARG B 64 -9.17 -14.66 -13.07
N GLU B 65 -7.85 -14.88 -13.14
N GLU B 65 -7.86 -14.89 -13.11
CA GLU B 65 -7.13 -15.67 -12.15
CA GLU B 65 -7.23 -15.73 -12.09
C GLU B 65 -7.33 -15.08 -10.75
C GLU B 65 -7.34 -15.08 -10.72
N GLU B 66 -7.21 -13.76 -10.64
CA GLU B 66 -7.39 -13.06 -9.37
C GLU B 66 -8.80 -13.23 -8.83
N ALA B 67 -9.78 -13.06 -9.70
CA ALA B 67 -11.18 -13.16 -9.30
C ALA B 67 -11.52 -14.56 -8.77
N MET B 68 -10.99 -15.57 -9.44
CA MET B 68 -11.22 -16.95 -9.04
C MET B 68 -10.53 -17.27 -7.70
N ALA B 69 -9.32 -16.75 -7.51
CA ALA B 69 -8.64 -16.93 -6.23
C ALA B 69 -9.40 -16.24 -5.11
N ALA B 70 -9.88 -15.03 -5.38
CA ALA B 70 -10.63 -14.28 -4.37
C ALA B 70 -11.96 -14.97 -4.03
N ALA B 71 -12.68 -15.41 -5.05
CA ALA B 71 -13.96 -16.09 -4.85
C ALA B 71 -13.79 -17.33 -3.98
N GLU B 72 -12.71 -18.06 -4.22
CA GLU B 72 -12.46 -19.28 -3.46
C GLU B 72 -12.20 -18.94 -2.00
N ILE B 73 -11.40 -17.92 -1.76
CA ILE B 73 -11.16 -17.45 -0.40
C ILE B 73 -12.48 -17.03 0.30
N LEU B 74 -13.33 -16.30 -0.41
CA LEU B 74 -14.57 -15.80 0.19
C LEU B 74 -15.62 -16.90 0.33
N GLY B 75 -15.50 -17.95 -0.49
CA GLY B 75 -16.50 -19.01 -0.49
C GLY B 75 -17.65 -18.79 -1.46
N ALA B 76 -17.34 -18.25 -2.65
CA ALA B 76 -18.37 -18.04 -3.65
C ALA B 76 -17.99 -18.70 -4.95
N SER B 77 -18.99 -18.99 -5.78
CA SER B 77 -18.76 -19.30 -7.19
C SER B 77 -18.78 -18.00 -7.99
N VAL B 78 -18.13 -18.00 -9.16
CA VAL B 78 -18.03 -16.79 -9.96
C VAL B 78 -18.05 -17.15 -11.44
N GLU B 79 -18.77 -16.38 -12.25
CA GLU B 79 -18.73 -16.55 -13.69
C GLU B 79 -18.44 -15.21 -14.36
N PHE B 80 -18.02 -15.26 -15.62
CA PHE B 80 -17.53 -14.07 -16.31
C PHE B 80 -18.24 -13.88 -17.63
N PHE B 81 -19.02 -12.81 -17.77
CA PHE B 81 -19.74 -12.56 -19.03
C PHE B 81 -18.81 -12.06 -20.12
N ASP B 82 -17.71 -11.43 -19.71
CA ASP B 82 -16.72 -10.87 -20.65
C ASP B 82 -17.33 -9.95 -21.73
N ILE B 83 -18.10 -8.94 -21.33
CA ILE B 83 -18.72 -8.06 -22.32
C ILE B 83 -17.91 -6.80 -22.59
N GLY B 84 -16.80 -6.65 -21.88
CA GLY B 84 -15.90 -5.53 -22.16
C GLY B 84 -16.17 -4.32 -21.27
N ASP B 85 -15.12 -3.59 -20.93
CA ASP B 85 -15.25 -2.40 -20.08
C ASP B 85 -14.75 -1.15 -20.82
N TYR B 86 -15.04 0.03 -20.27
CA TYR B 86 -14.53 1.30 -20.80
C TYR B 86 -14.50 1.39 -22.33
N PRO B 87 -15.68 1.38 -22.97
CA PRO B 87 -17.00 1.39 -22.35
C PRO B 87 -17.64 0.01 -22.24
N MET B 88 -18.34 -0.24 -21.13
CA MET B 88 -19.21 -1.39 -21.06
C MET B 88 -20.53 -1.07 -21.77
N ARG B 89 -20.97 -1.97 -22.64
CA ARG B 89 -22.26 -1.83 -23.30
C ARG B 89 -23.00 -3.17 -23.25
N ALA B 90 -24.31 -3.11 -23.08
CA ALA B 90 -25.14 -4.31 -23.01
C ALA B 90 -26.31 -4.22 -23.97
N ASP B 91 -26.76 -5.36 -24.48
CA ASP B 91 -27.97 -5.41 -25.29
C ASP B 91 -28.97 -6.36 -24.66
N LYS B 92 -30.02 -6.72 -25.40
CA LYS B 92 -31.04 -7.61 -24.84
C LYS B 92 -30.47 -8.98 -24.48
N ASP B 93 -29.49 -9.44 -25.26
N ASP B 93 -29.50 -9.43 -25.27
CA ASP B 93 -28.87 -10.73 -25.00
CA ASP B 93 -28.82 -10.71 -25.01
C ASP B 93 -28.15 -10.75 -23.64
C ASP B 93 -28.21 -10.72 -23.62
N THR B 94 -27.46 -9.67 -23.30
CA THR B 94 -26.83 -9.53 -21.99
C THR B 94 -27.89 -9.61 -20.89
N LEU B 95 -28.97 -8.87 -21.10
CA LEU B 95 -30.07 -8.85 -20.15
C LEU B 95 -30.65 -10.25 -19.94
N PHE B 96 -30.93 -10.98 -21.02
CA PHE B 96 -31.49 -12.32 -20.90
C PHE B 96 -30.49 -13.28 -20.25
N ARG B 97 -29.22 -13.13 -20.61
CA ARG B 97 -28.15 -13.92 -20.00
CA ARG B 97 -28.17 -13.93 -20.00
C ARG B 97 -28.20 -13.77 -18.49
N LEU B 98 -28.33 -12.53 -18.01
CA LEU B 98 -28.36 -12.29 -16.58
C LEU B 98 -29.69 -12.73 -15.97
N ALA B 99 -30.78 -12.60 -16.72
CA ALA B 99 -32.07 -13.08 -16.23
C ALA B 99 -32.04 -14.60 -15.99
N ASP B 100 -31.31 -15.30 -16.85
CA ASP B 100 -31.13 -16.75 -16.70
C ASP B 100 -30.33 -17.08 -15.45
N VAL B 101 -29.32 -16.25 -15.13
CA VAL B 101 -28.61 -16.45 -13.87
C VAL B 101 -29.58 -16.34 -12.71
N TYR B 102 -30.42 -15.31 -12.74
CA TYR B 102 -31.44 -15.15 -11.70
C TYR B 102 -32.32 -16.39 -11.58
N ARG B 103 -32.82 -16.87 -12.73
CA ARG B 103 -33.69 -18.04 -12.76
C ARG B 103 -32.99 -19.29 -12.19
N ARG B 104 -31.72 -19.46 -12.50
CA ARG B 104 -30.96 -20.60 -12.00
C ARG B 104 -30.64 -20.45 -10.52
N VAL B 105 -30.11 -19.30 -10.13
CA VAL B 105 -29.64 -19.09 -8.76
C VAL B 105 -30.77 -18.90 -7.74
N GLN B 106 -31.84 -18.21 -8.14
CA GLN B 106 -32.92 -17.89 -7.21
C GLN B 106 -32.42 -17.17 -5.94
N PRO B 107 -31.70 -16.06 -6.12
CA PRO B 107 -31.05 -15.40 -4.97
C PRO B 107 -32.03 -14.84 -3.93
N GLU B 108 -31.65 -14.88 -2.66
N GLU B 108 -31.64 -14.87 -2.67
CA GLU B 108 -32.44 -14.26 -1.59
CA GLU B 108 -32.42 -14.25 -1.59
C GLU B 108 -32.19 -12.74 -1.53
C GLU B 108 -32.21 -12.74 -1.58
N PHE B 109 -31.08 -12.30 -2.10
CA PHE B 109 -30.80 -10.87 -2.22
C PHE B 109 -29.72 -10.68 -3.27
N VAL B 110 -29.55 -9.43 -3.69
CA VAL B 110 -28.63 -9.07 -4.76
C VAL B 110 -27.79 -7.86 -4.37
N LEU B 111 -26.49 -7.91 -4.63
CA LEU B 111 -25.62 -6.76 -4.42
C LEU B 111 -25.06 -6.27 -5.76
N SER B 112 -25.11 -4.96 -5.97
CA SER B 112 -24.44 -4.38 -7.13
C SER B 112 -24.05 -2.92 -6.85
N HIS B 113 -23.76 -2.16 -7.91
CA HIS B 113 -23.22 -0.82 -7.78
C HIS B 113 -24.29 0.26 -7.53
N SER B 114 -23.82 1.45 -7.15
CA SER B 114 -24.69 2.60 -7.03
C SER B 114 -25.19 3.04 -8.42
N LEU B 115 -26.32 3.73 -8.45
CA LEU B 115 -26.93 4.09 -9.72
C LEU B 115 -26.36 5.37 -10.31
N LYS B 116 -25.58 6.10 -9.52
CA LYS B 116 -24.82 7.22 -10.04
C LYS B 116 -23.35 7.00 -9.76
N ASP B 117 -22.50 7.43 -10.70
CA ASP B 117 -21.06 7.33 -10.50
C ASP B 117 -20.34 8.19 -11.52
N PRO B 118 -20.00 9.42 -11.13
CA PRO B 118 -19.36 10.36 -12.06
C PRO B 118 -17.92 9.97 -12.39
N TYR B 119 -17.43 8.88 -11.80
CA TYR B 119 -16.05 8.46 -12.07
C TYR B 119 -16.01 7.20 -12.95
N ASN B 120 -17.16 6.57 -13.15
CA ASN B 120 -17.19 5.29 -13.86
C ASN B 120 -18.55 4.95 -14.42
N TYR B 121 -18.76 5.18 -15.71
CA TYR B 121 -20.05 4.93 -16.34
C TYR B 121 -20.47 3.46 -16.31
N ASP B 122 -19.50 2.54 -16.32
CA ASP B 122 -19.82 1.10 -16.29
C ASP B 122 -20.56 0.67 -15.03
N HIS B 123 -20.32 1.37 -13.93
CA HIS B 123 -20.84 0.92 -12.64
C HIS B 123 -22.38 1.00 -12.54
N PRO B 124 -22.96 2.17 -12.84
CA PRO B 124 -24.44 2.23 -12.84
C PRO B 124 -25.05 1.28 -13.87
N LEU B 125 -24.38 1.09 -14.99
CA LEU B 125 -24.89 0.18 -16.01
C LEU B 125 -25.04 -1.22 -15.43
N ALA B 126 -24.05 -1.66 -14.65
CA ALA B 126 -24.12 -2.97 -14.02
C ALA B 126 -25.34 -3.06 -13.10
N MET B 127 -25.63 -2.00 -12.34
CA MET B 127 -26.77 -2.07 -11.43
C MET B 127 -28.09 -2.04 -12.20
N HIS B 128 -28.15 -1.28 -13.30
CA HIS B 128 -29.36 -1.28 -14.15
C HIS B 128 -29.61 -2.64 -14.78
N LEU B 129 -28.56 -3.30 -15.25
CA LEU B 129 -28.67 -4.68 -15.72
C LEU B 129 -29.19 -5.59 -14.61
N ALA B 130 -28.62 -5.45 -13.41
CA ALA B 130 -29.01 -6.31 -12.29
C ALA B 130 -30.50 -6.15 -11.97
N GLN B 131 -30.96 -4.91 -11.96
CA GLN B 131 -32.34 -4.64 -11.60
C GLN B 131 -33.32 -5.03 -12.71
N GLU B 132 -33.01 -4.70 -13.97
CA GLU B 132 -33.95 -5.04 -15.04
C GLU B 132 -33.98 -6.55 -15.25
N ALA B 133 -32.83 -7.22 -15.15
CA ALA B 133 -32.80 -8.68 -15.30
C ALA B 133 -33.62 -9.36 -14.21
N ARG B 134 -33.56 -8.82 -12.99
CA ARG B 134 -34.37 -9.33 -11.90
C ARG B 134 -35.87 -9.25 -12.25
N ILE B 135 -36.28 -8.13 -12.83
CA ILE B 135 -37.67 -7.94 -13.22
C ILE B 135 -38.07 -8.88 -14.37
N ILE B 136 -37.22 -9.01 -15.39
CA ILE B 136 -37.46 -9.96 -16.47
C ILE B 136 -37.66 -11.38 -15.89
N ALA B 137 -36.85 -11.73 -14.91
CA ALA B 137 -36.91 -13.07 -14.32
C ALA B 137 -38.17 -13.25 -13.47
N GLN B 138 -38.86 -12.14 -13.17
CA GLN B 138 -40.13 -12.20 -12.46
C GLN B 138 -41.31 -12.51 -13.38
N ALA B 139 -41.10 -12.30 -14.68
CA ALA B 139 -42.19 -12.32 -15.65
C ALA B 139 -42.58 -13.74 -16.04
N GLU B 140 -43.84 -14.10 -15.81
CA GLU B 140 -44.32 -15.43 -16.14
C GLU B 140 -44.36 -15.62 -17.66
N GLY B 141 -44.25 -14.52 -18.39
CA GLY B 141 -44.18 -14.55 -19.84
C GLY B 141 -42.75 -14.69 -20.36
N TYR B 142 -41.77 -14.63 -19.47
CA TYR B 142 -40.39 -14.87 -19.90
C TYR B 142 -40.04 -16.34 -19.66
N LYS B 143 -39.69 -17.05 -20.73
CA LYS B 143 -39.46 -18.50 -20.68
C LYS B 143 -40.55 -19.17 -19.84
N PRO B 144 -41.79 -19.12 -20.33
CA PRO B 144 -42.96 -19.63 -19.60
C PRO B 144 -42.75 -21.07 -19.18
N GLY B 145 -43.21 -21.42 -17.99
CA GLY B 145 -42.95 -22.75 -17.49
C GLY B 145 -41.83 -22.83 -16.47
N GLU B 146 -40.81 -21.98 -16.61
CA GLU B 146 -39.73 -21.94 -15.62
C GLU B 146 -40.20 -21.33 -14.32
N LYS B 147 -39.60 -21.75 -13.21
CA LYS B 147 -39.90 -21.15 -11.92
C LYS B 147 -39.46 -19.68 -11.94
N ILE B 148 -40.37 -18.76 -11.65
CA ILE B 148 -40.04 -17.35 -11.70
C ILE B 148 -39.31 -16.93 -10.43
N VAL B 149 -38.69 -15.76 -10.49
CA VAL B 149 -38.04 -15.16 -9.34
C VAL B 149 -39.07 -14.35 -8.54
N GLY B 150 -38.90 -14.32 -7.23
CA GLY B 150 -39.75 -13.53 -6.37
C GLY B 150 -39.30 -12.07 -6.31
N ALA B 151 -39.13 -11.53 -5.11
CA ALA B 151 -38.69 -10.15 -4.95
C ALA B 151 -37.49 -10.03 -3.98
N PRO B 152 -36.34 -10.61 -4.35
CA PRO B 152 -35.17 -10.51 -3.46
C PRO B 152 -34.75 -9.05 -3.29
N PRO B 153 -34.44 -8.64 -2.06
CA PRO B 153 -33.89 -7.29 -1.85
C PRO B 153 -32.64 -7.02 -2.70
N VAL B 154 -32.52 -5.80 -3.20
CA VAL B 154 -31.36 -5.38 -3.95
C VAL B 154 -30.66 -4.26 -3.17
N TYR B 155 -29.33 -4.32 -3.10
CA TYR B 155 -28.55 -3.28 -2.41
C TYR B 155 -27.41 -2.79 -3.27
N ALA B 156 -27.12 -1.49 -3.19
CA ALA B 156 -25.90 -0.94 -3.78
C ALA B 156 -24.79 -0.96 -2.72
N PHE B 157 -23.68 -1.63 -3.03
CA PHE B 157 -22.55 -1.61 -2.10
C PHE B 157 -21.78 -0.30 -2.29
N GLU B 158 -20.75 -0.08 -1.47
CA GLU B 158 -20.15 1.24 -1.36
C GLU B 158 -19.26 1.63 -2.55
N PRO B 159 -19.55 2.77 -3.18
CA PRO B 159 -18.62 3.21 -4.22
C PRO B 159 -17.37 3.89 -3.66
N HIS B 160 -16.39 4.10 -4.52
CA HIS B 160 -15.12 4.70 -4.12
C HIS B 160 -15.29 6.11 -3.54
N GLN B 161 -16.15 6.91 -4.16
CA GLN B 161 -16.45 8.26 -3.68
C GLN B 161 -17.95 8.39 -3.43
N PRO B 162 -18.40 7.93 -2.27
CA PRO B 162 -19.83 7.77 -1.97
C PRO B 162 -20.63 9.07 -2.06
N GLU B 163 -20.15 10.15 -1.46
CA GLU B 163 -20.89 11.41 -1.53
C GLU B 163 -21.00 11.91 -2.98
N GLN B 164 -19.97 11.74 -3.79
CA GLN B 164 -20.06 12.19 -5.19
C GLN B 164 -21.08 11.34 -5.95
N CYS B 165 -21.29 10.11 -5.48
CA CYS B 165 -22.26 9.22 -6.12
C CYS B 165 -23.65 9.39 -5.53
N GLU B 166 -23.79 10.34 -4.60
CA GLU B 166 -25.05 10.56 -3.89
C GLU B 166 -25.57 9.27 -3.26
N TRP B 167 -24.65 8.49 -2.74
CA TRP B 167 -24.98 7.20 -2.14
C TRP B 167 -25.02 7.36 -0.64
N ARG B 168 -25.97 6.72 0.02
CA ARG B 168 -26.06 6.78 1.48
C ARG B 168 -26.34 5.38 2.03
N PRO B 169 -25.52 4.92 2.99
CA PRO B 169 -25.85 3.59 3.49
C PRO B 169 -27.03 3.64 4.45
N ASP B 170 -28.08 2.86 4.17
CA ASP B 170 -29.19 2.74 5.11
C ASP B 170 -29.08 1.40 5.84
N THR B 171 -28.07 0.62 5.47
CA THR B 171 -27.86 -0.70 6.05
C THR B 171 -26.36 -0.91 6.32
N PHE B 172 -26.02 -1.28 7.55
CA PHE B 172 -24.65 -1.69 7.88
C PHE B 172 -24.61 -3.18 8.17
N LEU B 173 -23.75 -3.87 7.45
CA LEU B 173 -23.56 -5.28 7.69
C LEU B 173 -22.28 -5.44 8.50
N ASP B 174 -22.40 -6.02 9.69
CA ASP B 174 -21.24 -6.27 10.54
C ASP B 174 -20.42 -7.43 9.97
N ILE B 175 -19.23 -7.14 9.47
CA ILE B 175 -18.40 -8.19 8.87
C ILE B 175 -17.14 -8.47 9.72
N THR B 176 -17.21 -8.11 10.99
CA THR B 176 -16.09 -8.31 11.91
C THR B 176 -15.67 -9.78 11.95
N SER B 177 -16.64 -10.69 11.93
CA SER B 177 -16.35 -12.12 12.05
C SER B 177 -15.67 -12.71 10.81
N VAL B 178 -15.64 -11.95 9.71
CA VAL B 178 -15.05 -12.48 8.48
C VAL B 178 -14.02 -11.52 7.87
N TRP B 179 -13.57 -10.54 8.65
CA TRP B 179 -12.69 -9.53 8.09
C TRP B 179 -11.43 -10.15 7.50
N ASP B 180 -10.88 -11.16 8.16
CA ASP B 180 -9.66 -11.82 7.68
C ASP B 180 -9.86 -12.45 6.30
N LYS B 181 -11.08 -12.94 6.03
CA LYS B 181 -11.36 -13.46 4.69
C LYS B 181 -11.44 -12.35 3.66
N LYS B 182 -12.08 -11.24 4.02
CA LYS B 182 -12.18 -10.16 3.04
C LYS B 182 -10.79 -9.63 2.70
N TYR B 183 -9.96 -9.45 3.72
CA TYR B 183 -8.63 -8.89 3.47
C TYR B 183 -7.76 -9.87 2.68
N ALA B 184 -7.85 -11.16 2.99
CA ALA B 184 -7.11 -12.15 2.21
C ALA B 184 -7.51 -12.10 0.73
N ALA B 185 -8.80 -11.90 0.46
CA ALA B 185 -9.26 -11.80 -0.92
C ALA B 185 -8.79 -10.49 -1.55
N ILE B 186 -8.78 -9.44 -0.74
CA ILE B 186 -8.30 -8.14 -1.19
C ILE B 186 -6.84 -8.24 -1.66
N GLN B 187 -6.04 -9.05 -0.95
CA GLN B 187 -4.63 -9.21 -1.30
C GLN B 187 -4.41 -9.91 -2.64
N CYS B 188 -5.47 -10.54 -3.17
CA CYS B 188 -5.39 -11.15 -4.50
C CYS B 188 -5.43 -10.10 -5.59
N MET B 189 -5.79 -8.87 -5.24
CA MET B 189 -5.85 -7.80 -6.24
C MET B 189 -4.43 -7.31 -6.48
N ALA B 190 -3.70 -8.02 -7.34
CA ALA B 190 -2.27 -7.80 -7.51
C ALA B 190 -1.94 -6.38 -7.95
N GLY B 191 -0.93 -5.79 -7.29
CA GLY B 191 -0.43 -4.49 -7.67
C GLY B 191 -1.28 -3.33 -7.19
N GLN B 192 -2.31 -3.61 -6.41
CA GLN B 192 -3.24 -2.54 -6.02
C GLN B 192 -3.23 -2.29 -4.52
N GLU B 193 -2.03 -2.32 -3.95
CA GLU B 193 -1.84 -2.23 -2.50
C GLU B 193 -2.46 -0.97 -1.86
N HIS B 194 -2.48 0.14 -2.60
CA HIS B 194 -3.06 1.38 -2.06
C HIS B 194 -4.55 1.24 -1.87
N LEU B 195 -5.20 0.49 -2.76
CA LEU B 195 -6.61 0.18 -2.60
C LEU B 195 -6.83 -0.83 -1.46
N TRP B 196 -5.87 -1.73 -1.22
CA TRP B 196 -5.96 -2.63 -0.05
C TRP B 196 -6.14 -1.80 1.20
N GLU B 197 -5.34 -0.75 1.33
N GLU B 197 -5.31 -0.76 1.31
CA GLU B 197 -5.38 0.05 2.55
CA GLU B 197 -5.28 0.14 2.47
C GLU B 197 -6.61 0.97 2.55
C GLU B 197 -6.56 0.98 2.54
N TYR B 198 -6.98 1.47 1.37
CA TYR B 198 -8.17 2.32 1.27
C TYR B 198 -9.40 1.60 1.80
N TYR B 199 -9.61 0.37 1.33
CA TYR B 199 -10.82 -0.36 1.67
C TYR B 199 -10.75 -0.98 3.07
N THR B 200 -9.54 -1.11 3.61
CA THR B 200 -9.38 -1.37 5.04
C THR B 200 -9.92 -0.19 5.85
N ARG B 201 -9.52 1.02 5.47
CA ARG B 201 -9.98 2.21 6.18
C ARG B 201 -11.50 2.37 6.03
N VAL B 202 -12.05 2.03 4.87
CA VAL B 202 -13.51 2.08 4.68
C VAL B 202 -14.22 1.19 5.71
N ALA B 203 -13.76 -0.04 5.83
CA ALA B 203 -14.42 -1.00 6.73
C ALA B 203 -14.32 -0.54 8.19
N LEU B 204 -13.18 0.04 8.54
CA LEU B 204 -13.00 0.56 9.88
C LEU B 204 -13.90 1.78 10.14
N GLN B 205 -13.99 2.69 9.16
CA GLN B 205 -14.86 3.86 9.30
C GLN B 205 -16.32 3.42 9.43
N ARG B 206 -16.74 2.50 8.56
CA ARG B 206 -18.12 2.03 8.59
C ARG B 206 -18.35 1.24 9.87
N GLY B 207 -17.30 0.59 10.38
CA GLY B 207 -17.38 -0.12 11.64
C GLY B 207 -17.74 0.82 12.78
N VAL B 208 -17.04 1.94 12.86
CA VAL B 208 -17.31 2.94 13.88
C VAL B 208 -18.72 3.53 13.74
N GLN B 209 -19.14 3.82 12.50
CA GLN B 209 -20.46 4.39 12.28
C GLN B 209 -21.53 3.38 12.63
N ALA B 210 -21.33 2.12 12.27
CA ALA B 210 -22.29 1.08 12.61
C ALA B 210 -22.45 0.98 14.13
N LYS B 211 -21.33 1.01 14.83
CA LYS B 211 -21.33 0.96 16.29
C LYS B 211 -22.11 2.13 16.88
N ARG B 212 -21.94 3.32 16.28
CA ARG B 212 -22.63 4.50 16.75
C ARG B 212 -24.14 4.33 16.60
N ASN B 213 -24.55 3.58 15.58
CA ASN B 213 -25.97 3.39 15.30
C ASN B 213 -26.59 2.19 16.02
N VAL B 214 -25.84 1.54 16.91
CA VAL B 214 -26.41 0.60 17.86
C VAL B 214 -26.18 1.08 19.30
N GLY B 215 -25.58 2.26 19.47
CA GLY B 215 -25.30 2.80 20.79
C GLY B 215 -23.80 2.77 21.08
N ILE B 216 -23.21 3.95 21.28
CA ILE B 216 -21.76 4.03 21.34
C ILE B 216 -21.15 3.37 22.59
N THR B 217 -21.94 3.21 23.64
CA THR B 217 -21.46 2.55 24.86
C THR B 217 -21.93 1.10 24.94
N SER B 218 -22.52 0.62 23.86
CA SER B 218 -23.00 -0.77 23.79
C SER B 218 -21.84 -1.77 23.91
N ALA B 219 -22.16 -2.97 24.40
CA ALA B 219 -21.16 -4.02 24.55
C ALA B 219 -20.81 -4.63 23.18
N ARG B 220 -21.73 -4.50 22.23
CA ARG B 220 -21.58 -5.00 20.88
C ARG B 220 -20.30 -4.49 20.22
N ASN B 221 -19.36 -5.39 19.94
CA ASN B 221 -18.08 -4.96 19.39
C ASN B 221 -18.02 -5.02 17.85
N ILE B 222 -18.50 -3.97 17.20
CA ILE B 222 -18.49 -3.91 15.75
C ILE B 222 -17.25 -3.16 15.29
N VAL B 223 -16.31 -3.87 14.66
CA VAL B 223 -15.04 -3.25 14.26
C VAL B 223 -14.98 -3.04 12.75
N TYR B 224 -15.51 -3.99 11.98
CA TYR B 224 -15.52 -3.86 10.53
C TYR B 224 -16.96 -3.98 10.01
N ALA B 225 -17.35 -3.09 9.09
CA ALA B 225 -18.68 -3.18 8.51
C ALA B 225 -18.67 -2.79 7.04
N GLU B 226 -19.67 -3.28 6.30
CA GLU B 226 -19.91 -2.81 4.95
C GLU B 226 -21.21 -2.02 4.95
N GLY B 227 -21.20 -0.86 4.29
CA GLY B 227 -22.42 -0.08 4.15
C GLY B 227 -23.13 -0.42 2.85
N LEU B 228 -24.47 -0.43 2.89
CA LEU B 228 -25.28 -0.71 1.70
C LEU B 228 -26.47 0.23 1.61
N GLN B 229 -26.87 0.55 0.39
CA GLN B 229 -28.09 1.33 0.18
C GLN B 229 -29.14 0.43 -0.45
N SER B 230 -30.24 0.22 0.26
N SER B 230 -30.23 0.22 0.27
CA SER B 230 -31.29 -0.69 -0.20
CA SER B 230 -31.30 -0.64 -0.21
C SER B 230 -32.17 -0.03 -1.26
C SER B 230 -32.06 0.02 -1.35
N VAL B 231 -32.52 -0.79 -2.29
CA VAL B 231 -33.33 -0.27 -3.39
C VAL B 231 -34.82 -0.31 -3.02
N PHE B 232 -35.25 -1.35 -2.32
CA PHE B 232 -36.67 -1.58 -2.07
C PHE B 232 -37.02 -1.52 -0.59
N PRO B 233 -38.26 -1.13 -0.28
CA PRO B 233 -38.70 -1.18 1.12
C PRO B 233 -38.62 -2.60 1.65
N ARG B 234 -38.20 -2.78 2.89
CA ARG B 234 -38.17 -4.11 3.46
C ARG B 234 -39.46 -4.37 4.24
N VAL B 235 -39.84 -5.64 4.31
CA VAL B 235 -41.07 -6.04 4.96
C VAL B 235 -40.72 -6.81 6.23
N THR B 236 -41.33 -6.45 7.35
CA THR B 236 -40.95 -7.08 8.59
C THR B 236 -42.11 -7.16 9.57
N GLU B 237 -41.88 -7.85 10.69
CA GLU B 237 -42.87 -8.01 11.75
CA GLU B 237 -42.90 -7.90 11.73
C GLU B 237 -42.35 -7.41 13.06
N ASN B 238 -41.16 -6.80 13.02
CA ASN B 238 -40.58 -6.24 14.23
C ASN B 238 -39.64 -5.07 13.89
N LEU B 239 -39.76 -3.98 14.66
CA LEU B 239 -39.11 -2.73 14.30
C LEU B 239 -37.86 -2.44 15.10
N ALA B 240 -37.48 -3.36 15.98
CA ALA B 240 -36.29 -3.16 16.82
C ALA B 240 -35.04 -3.16 15.96
#